data_6U1B
#
_entry.id   6U1B
#
_cell.length_a   41.975
_cell.length_b   41.975
_cell.length_c   378.437
_cell.angle_alpha   90.000
_cell.angle_beta   90.000
_cell.angle_gamma   120.000
#
_symmetry.space_group_name_H-M   'P 61 2 2'
#
loop_
_entity.id
_entity.type
_entity.pdbx_description
1 polymer 'Glutamyl endopeptidase'
2 water water
#
_entity_poly.entity_id   1
_entity_poly.type   'polypeptide(L)'
_entity_poly.pdbx_seq_one_letter_code
;SQNKSYPSCILPNNNRHQIFNTTQGHYDAVSFIYIPIDGGYMSGSGVVVGENEILTNKHVVNGAKGNPRNISVHPSAKNE
NDYPNGKFVGQEIIPYPGNSDLAILRVSPNEHNQHIGQVVKPATISSNTDTRINENITVTGYPGDKPLATMWESVGKVVY
IGGEELRYDLSTVGGNSGSPVFNGKNQVIGIHYGGVCNKYNSSVYINDFVQQFLRNNIPDINIQ
;
_entity_poly.pdbx_strand_id   A
#
# COMPACT_ATOMS: atom_id res chain seq x y z
N LYS A 4 -0.73 -17.02 -13.89
CA LYS A 4 -1.72 -16.80 -12.83
C LYS A 4 -1.06 -16.83 -11.45
N SER A 5 -1.73 -16.23 -10.47
CA SER A 5 -1.20 -16.17 -9.11
C SER A 5 -2.36 -15.97 -8.14
N TYR A 6 -2.11 -16.27 -6.87
CA TYR A 6 -3.10 -16.06 -5.80
C TYR A 6 -2.33 -15.61 -4.56
N PRO A 7 -1.87 -14.36 -4.55
CA PRO A 7 -0.99 -13.92 -3.45
C PRO A 7 -1.68 -13.83 -2.10
N SER A 8 -2.99 -13.63 -2.04
CA SER A 8 -3.62 -13.47 -0.73
C SER A 8 -5.03 -14.04 -0.75
N CYS A 9 -5.63 -14.09 0.43
CA CYS A 9 -6.65 -15.09 0.73
C CYS A 9 -7.96 -14.47 1.18
N ILE A 10 -9.07 -15.02 0.68
CA ILE A 10 -10.37 -14.82 1.31
C ILE A 10 -10.42 -15.70 2.55
N LEU A 11 -10.69 -15.09 3.69
CA LEU A 11 -10.74 -15.71 4.99
C LEU A 11 -12.18 -15.68 5.53
N PRO A 12 -12.48 -16.49 6.56
CA PRO A 12 -13.84 -16.44 7.15
C PRO A 12 -14.32 -15.03 7.38
N ASN A 13 -13.45 -14.17 7.91
CA ASN A 13 -13.73 -12.74 8.05
C ASN A 13 -13.55 -12.09 6.68
N ASN A 14 -14.66 -11.84 5.99
CA ASN A 14 -14.65 -11.15 4.69
C ASN A 14 -15.59 -9.94 4.86
N ASN A 15 -15.08 -8.92 5.52
CA ASN A 15 -15.81 -7.71 5.89
C ASN A 15 -15.19 -6.52 5.15
N ARG A 16 -15.66 -6.27 3.94
CA ARG A 16 -15.06 -5.26 3.06
C ARG A 16 -16.13 -4.33 2.51
N HIS A 17 -15.82 -3.04 2.43
CA HIS A 17 -16.74 -2.10 1.76
C HIS A 17 -15.97 -1.10 0.91
N GLN A 18 -16.64 -0.60 -0.11
CA GLN A 18 -16.00 0.30 -1.06
C GLN A 18 -15.93 1.71 -0.49
N ILE A 19 -14.80 2.37 -0.70
CA ILE A 19 -14.63 3.77 -0.34
C ILE A 19 -14.98 4.62 -1.56
N PHE A 20 -16.00 5.46 -1.44
CA PHE A 20 -16.37 6.35 -2.54
C PHE A 20 -15.70 7.72 -2.41
N ASN A 21 -15.59 8.23 -1.19
CA ASN A 21 -14.93 9.50 -0.98
C ASN A 21 -13.45 9.23 -0.72
N THR A 22 -12.74 8.91 -1.79
CA THR A 22 -11.36 8.45 -1.70
C THR A 22 -10.35 9.54 -1.35
N THR A 23 -10.72 10.82 -1.43
CA THR A 23 -9.78 11.88 -1.05
C THR A 23 -10.03 12.40 0.37
N GLN A 24 -11.04 11.88 1.05
CA GLN A 24 -11.33 12.30 2.42
C GLN A 24 -10.35 11.65 3.40
N GLY A 25 -9.91 12.44 4.38
CA GLY A 25 -9.25 11.87 5.55
C GLY A 25 -8.00 11.08 5.18
N HIS A 26 -7.82 9.93 5.84
CA HIS A 26 -6.62 9.13 5.64
C HIS A 26 -6.66 8.32 4.35
N TYR A 27 -7.78 8.35 3.63
CA TYR A 27 -7.94 7.55 2.42
C TYR A 27 -7.16 8.11 1.24
N ASP A 28 -6.85 9.41 1.23
CA ASP A 28 -6.33 10.02 0.00
C ASP A 28 -4.94 9.49 -0.34
N ALA A 29 -4.15 9.10 0.65
CA ALA A 29 -2.82 8.55 0.41
C ALA A 29 -2.86 7.11 -0.11
N VAL A 30 -3.96 6.37 0.08
CA VAL A 30 -4.09 5.04 -0.52
C VAL A 30 -4.07 5.17 -2.04
N SER A 31 -3.22 4.35 -2.69
CA SER A 31 -2.88 4.55 -4.09
C SER A 31 -3.05 3.29 -4.94
N PHE A 32 -3.52 3.49 -6.16
CA PHE A 32 -3.70 2.42 -7.14
C PHE A 32 -2.51 2.41 -8.09
N ILE A 33 -1.97 1.22 -8.37
CA ILE A 33 -0.77 1.07 -9.17
C ILE A 33 -1.11 0.27 -10.41
N TYR A 34 -0.70 0.75 -11.57
CA TYR A 34 -0.98 0.11 -12.85
C TYR A 34 0.33 -0.03 -13.62
N ILE A 35 0.61 -1.24 -14.10
CA ILE A 35 1.85 -1.55 -14.80
C ILE A 35 1.53 -2.35 -16.05
N PRO A 36 1.78 -1.82 -17.25
CA PRO A 36 1.59 -2.64 -18.46
C PRO A 36 2.71 -3.66 -18.57
N ILE A 37 2.34 -4.90 -18.85
CA ILE A 37 3.30 -5.99 -18.94
C ILE A 37 2.73 -7.06 -19.86
N ASP A 38 3.58 -7.57 -20.77
CA ASP A 38 3.24 -8.70 -21.64
C ASP A 38 1.92 -8.47 -22.37
N GLY A 39 1.76 -7.27 -22.94
CA GLY A 39 0.54 -6.91 -23.64
C GLY A 39 -0.67 -6.64 -22.76
N GLY A 40 -0.62 -7.03 -21.48
CA GLY A 40 -1.71 -6.82 -20.56
C GLY A 40 -1.33 -5.87 -19.45
N TYR A 41 -1.84 -6.07 -18.23
CA TYR A 41 -1.43 -5.21 -17.14
C TYR A 41 -1.40 -5.99 -15.83
N MET A 42 -0.56 -5.51 -14.93
CA MET A 42 -0.53 -5.87 -13.52
C MET A 42 -1.03 -4.67 -12.73
N SER A 43 -1.74 -4.91 -11.64
CA SER A 43 -2.14 -3.82 -10.77
C SER A 43 -1.80 -4.17 -9.33
N GLY A 44 -1.71 -3.14 -8.50
CA GLY A 44 -1.40 -3.31 -7.10
C GLY A 44 -1.83 -2.11 -6.32
N SER A 45 -1.28 -1.98 -5.12
CA SER A 45 -1.64 -0.91 -4.21
C SER A 45 -0.39 -0.34 -3.55
N GLY A 46 -0.56 0.82 -2.92
CA GLY A 46 0.53 1.51 -2.26
C GLY A 46 -0.02 2.64 -1.41
N VAL A 47 0.89 3.39 -0.79
CA VAL A 47 0.49 4.50 0.08
C VAL A 47 1.53 5.63 0.01
N VAL A 48 1.04 6.85 -0.21
CA VAL A 48 1.89 8.05 -0.22
C VAL A 48 2.41 8.32 1.18
N VAL A 49 3.73 8.41 1.32
CA VAL A 49 4.37 8.67 2.60
C VAL A 49 5.33 9.84 2.57
N GLY A 50 5.51 10.49 1.42
CA GLY A 50 6.39 11.64 1.36
C GLY A 50 6.12 12.46 0.12
N GLU A 51 6.82 13.60 0.02
CA GLU A 51 6.59 14.54 -1.08
C GLU A 51 6.57 13.85 -2.45
N ASN A 52 7.46 12.89 -2.67
CA ASN A 52 7.53 12.21 -3.96
C ASN A 52 7.58 10.69 -3.80
N GLU A 53 7.02 10.14 -2.72
CA GLU A 53 7.26 8.72 -2.41
C GLU A 53 6.00 7.98 -1.96
N ILE A 54 5.89 6.73 -2.43
CA ILE A 54 4.94 5.77 -1.91
C ILE A 54 5.69 4.53 -1.40
N LEU A 55 5.01 3.75 -0.58
CA LEU A 55 5.46 2.41 -0.23
C LEU A 55 4.58 1.38 -0.94
N THR A 56 5.18 0.25 -1.32
CA THR A 56 4.46 -0.88 -1.90
C THR A 56 5.34 -2.12 -1.74
N ASN A 57 5.04 -3.19 -2.48
CA ASN A 57 5.84 -4.41 -2.36
C ASN A 57 6.97 -4.43 -3.38
N LYS A 58 8.07 -5.10 -3.01
CA LYS A 58 9.08 -5.48 -4.00
C LYS A 58 8.45 -6.22 -5.19
N HIS A 59 7.56 -7.18 -4.90
CA HIS A 59 7.03 -7.99 -6.00
C HIS A 59 6.05 -7.19 -6.87
N VAL A 60 5.55 -6.05 -6.38
CA VAL A 60 4.73 -5.18 -7.21
C VAL A 60 5.59 -4.39 -8.19
N VAL A 61 6.58 -3.63 -7.68
CA VAL A 61 7.41 -2.84 -8.59
C VAL A 61 8.15 -3.71 -9.59
N ASN A 62 8.38 -4.99 -9.26
CA ASN A 62 9.04 -5.93 -10.17
C ASN A 62 8.36 -5.99 -11.52
N GLY A 63 7.05 -5.72 -11.57
CA GLY A 63 6.33 -5.77 -12.82
C GLY A 63 6.87 -4.83 -13.87
N ALA A 64 7.58 -3.78 -13.45
CA ALA A 64 8.20 -2.82 -14.36
C ALA A 64 9.47 -3.35 -15.00
N LYS A 65 9.93 -4.54 -14.60
CA LYS A 65 11.13 -5.17 -15.17
C LYS A 65 12.33 -4.22 -15.10
N GLY A 66 12.48 -3.55 -13.96
CA GLY A 66 13.63 -2.71 -13.71
C GLY A 66 13.49 -1.26 -14.11
N ASN A 67 12.46 -0.91 -14.88
CA ASN A 67 12.28 0.45 -15.38
C ASN A 67 11.14 1.16 -14.66
N PRO A 68 11.42 2.06 -13.71
CA PRO A 68 10.32 2.69 -12.94
C PRO A 68 9.30 3.43 -13.80
N ARG A 69 9.67 3.89 -14.99
CA ARG A 69 8.75 4.67 -15.83
C ARG A 69 7.61 3.82 -16.38
N ASN A 70 7.67 2.50 -16.26
CA ASN A 70 6.53 1.65 -16.61
C ASN A 70 5.42 1.67 -15.55
N ILE A 71 5.64 2.29 -14.40
CA ILE A 71 4.69 2.25 -13.29
C ILE A 71 3.87 3.54 -13.27
N SER A 72 2.54 3.40 -13.22
CA SER A 72 1.65 4.52 -12.99
C SER A 72 1.07 4.44 -11.58
N VAL A 73 1.19 5.53 -10.82
CA VAL A 73 0.60 5.61 -9.48
C VAL A 73 -0.55 6.63 -9.47
N HIS A 74 -1.74 6.17 -9.10
CA HIS A 74 -2.90 7.05 -8.98
C HIS A 74 -3.32 7.15 -7.52
N PRO A 75 -2.89 8.18 -6.79
CA PRO A 75 -3.36 8.29 -5.41
C PRO A 75 -4.84 8.65 -5.39
N SER A 76 -5.58 8.00 -4.49
CA SER A 76 -7.01 8.27 -4.28
C SER A 76 -7.87 7.80 -5.45
N ALA A 77 -7.40 6.82 -6.23
CA ALA A 77 -8.18 6.31 -7.35
C ALA A 77 -9.56 5.87 -6.87
N LYS A 78 -10.59 6.24 -7.62
CA LYS A 78 -11.98 5.94 -7.27
C LYS A 78 -12.60 4.88 -8.16
N ASN A 79 -12.38 4.94 -9.47
CA ASN A 79 -12.66 3.82 -10.37
C ASN A 79 -11.86 4.02 -11.66
N GLU A 80 -12.09 3.11 -12.61
CA GLU A 80 -11.33 3.07 -13.85
C GLU A 80 -11.42 4.37 -14.65
N ASN A 81 -12.52 5.09 -14.55
CA ASN A 81 -12.68 6.37 -15.21
C ASN A 81 -12.78 7.54 -14.23
N ASP A 82 -12.14 7.42 -13.05
CA ASP A 82 -12.21 8.49 -12.04
C ASP A 82 -10.93 8.44 -11.20
N TYR A 83 -9.89 9.14 -11.68
CA TYR A 83 -8.65 9.36 -10.95
C TYR A 83 -8.63 10.81 -10.47
N PRO A 84 -9.19 11.10 -9.30
CA PRO A 84 -9.32 12.51 -8.86
C PRO A 84 -8.00 13.24 -8.82
N ASN A 85 -6.89 12.54 -8.62
CA ASN A 85 -5.57 13.16 -8.60
C ASN A 85 -4.71 12.79 -9.79
N GLY A 86 -5.29 12.21 -10.84
CA GLY A 86 -4.50 11.81 -11.99
C GLY A 86 -3.50 10.73 -11.64
N LYS A 87 -2.37 10.75 -12.35
CA LYS A 87 -1.33 9.75 -12.18
C LYS A 87 0.01 10.44 -11.96
N PHE A 88 0.93 9.71 -11.33
CA PHE A 88 2.34 10.07 -11.19
C PHE A 88 3.19 8.89 -11.66
N VAL A 89 4.26 9.18 -12.39
CA VAL A 89 5.03 8.14 -13.08
C VAL A 89 6.23 7.76 -12.22
N GLY A 90 6.43 6.46 -12.03
CA GLY A 90 7.60 5.97 -11.32
C GLY A 90 8.92 6.53 -11.83
N GLN A 91 9.80 6.88 -10.90
CA GLN A 91 11.07 7.51 -11.21
C GLN A 91 12.26 6.73 -10.70
N GLU A 92 12.18 6.16 -9.51
CA GLU A 92 13.29 5.41 -8.92
C GLU A 92 12.75 4.39 -7.94
N ILE A 93 13.20 3.14 -8.06
CA ILE A 93 12.77 2.05 -7.19
C ILE A 93 13.84 1.85 -6.12
N ILE A 94 13.45 1.94 -4.86
CA ILE A 94 14.39 1.79 -3.76
C ILE A 94 13.97 0.60 -2.91
N PRO A 95 14.50 -0.59 -3.16
CA PRO A 95 14.06 -1.76 -2.40
C PRO A 95 14.57 -1.70 -0.97
N TYR A 96 13.78 -2.24 -0.06
CA TYR A 96 14.25 -2.37 1.32
C TYR A 96 15.42 -3.35 1.33
N PRO A 97 16.58 -2.98 1.88
CA PRO A 97 17.74 -3.89 1.86
C PRO A 97 17.53 -5.13 2.70
N GLY A 98 16.61 -5.10 3.66
CA GLY A 98 16.31 -6.29 4.44
C GLY A 98 15.49 -7.28 3.64
N ASN A 99 14.97 -8.26 4.36
CA ASN A 99 14.40 -9.44 3.72
C ASN A 99 12.89 -9.37 3.53
N SER A 100 12.27 -8.24 3.87
CA SER A 100 10.82 -8.02 3.73
C SER A 100 10.46 -7.60 2.31
N ASP A 101 9.22 -7.91 1.93
CA ASP A 101 8.64 -7.58 0.63
C ASP A 101 8.17 -6.12 0.63
N LEU A 102 9.14 -5.20 0.68
CA LEU A 102 8.88 -3.78 0.84
C LEU A 102 9.78 -2.97 -0.09
N ALA A 103 9.20 -1.98 -0.76
CA ALA A 103 9.96 -1.06 -1.61
C ALA A 103 9.41 0.34 -1.49
N ILE A 104 10.30 1.33 -1.53
CA ILE A 104 9.92 2.71 -1.80
C ILE A 104 9.94 2.92 -3.30
N LEU A 105 8.88 3.53 -3.83
CA LEU A 105 8.86 4.00 -5.21
C LEU A 105 8.80 5.52 -5.16
N ARG A 106 9.85 6.18 -5.64
CA ARG A 106 9.84 7.61 -5.87
C ARG A 106 9.19 7.91 -7.21
N VAL A 107 8.34 8.93 -7.24
CA VAL A 107 7.58 9.28 -8.43
C VAL A 107 7.95 10.69 -8.86
N SER A 108 7.81 10.94 -10.15
CA SER A 108 8.03 12.26 -10.70
C SER A 108 6.84 13.16 -10.39
N PRO A 109 7.01 14.47 -10.44
CA PRO A 109 5.86 15.36 -10.36
C PRO A 109 5.00 15.17 -11.60
N ASN A 110 3.75 15.60 -11.51
CA ASN A 110 2.83 15.36 -12.63
C ASN A 110 3.05 16.44 -13.69
N GLU A 111 2.19 16.46 -14.71
CA GLU A 111 2.33 17.42 -15.80
C GLU A 111 2.11 18.86 -15.38
N HIS A 112 1.53 19.10 -14.20
CA HIS A 112 1.39 20.46 -13.68
C HIS A 112 2.48 20.80 -12.68
N ASN A 113 3.55 20.02 -12.62
CA ASN A 113 4.61 20.19 -11.62
C ASN A 113 4.09 20.06 -10.19
N GLN A 114 2.94 19.40 -9.99
CA GLN A 114 2.50 19.04 -8.66
C GLN A 114 3.19 17.77 -8.22
N HIS A 115 3.59 17.72 -6.94
CA HIS A 115 4.15 16.53 -6.35
C HIS A 115 3.06 15.71 -5.67
N ILE A 116 3.26 14.39 -5.63
CA ILE A 116 2.22 13.51 -5.11
C ILE A 116 1.91 13.84 -3.65
N GLY A 117 2.93 14.23 -2.89
CA GLY A 117 2.70 14.59 -1.50
C GLY A 117 2.16 15.99 -1.27
N GLN A 118 1.90 16.74 -2.34
CA GLN A 118 1.15 17.99 -2.26
C GLN A 118 -0.32 17.83 -2.59
N VAL A 119 -0.69 16.91 -3.48
CA VAL A 119 -2.11 16.76 -3.83
C VAL A 119 -2.87 15.92 -2.82
N VAL A 120 -2.18 15.06 -2.07
CA VAL A 120 -2.79 14.34 -0.95
C VAL A 120 -1.89 14.52 0.26
N LYS A 121 -2.45 14.27 1.44
CA LYS A 121 -1.70 14.28 2.69
C LYS A 121 -0.88 13.00 2.80
N PRO A 122 0.44 13.07 2.85
CA PRO A 122 1.21 11.85 3.10
C PRO A 122 0.71 11.18 4.37
N ALA A 123 0.66 9.85 4.35
CA ALA A 123 0.19 9.09 5.49
C ALA A 123 1.15 9.26 6.67
N THR A 124 0.59 9.09 7.87
CA THR A 124 1.37 9.06 9.09
C THR A 124 1.83 7.62 9.36
N ILE A 125 3.13 7.43 9.57
CA ILE A 125 3.67 6.13 9.94
C ILE A 125 3.61 5.99 11.46
N SER A 126 3.07 4.87 11.93
CA SER A 126 3.05 4.63 13.36
C SER A 126 4.44 4.26 13.85
N SER A 127 4.76 4.70 15.07
CA SER A 127 5.97 4.23 15.73
C SER A 127 5.87 2.76 16.09
N ASN A 128 4.65 2.20 16.12
CA ASN A 128 4.41 0.79 16.41
C ASN A 128 4.86 0.40 17.82
N THR A 129 4.85 1.35 18.75
CA THR A 129 5.13 0.99 20.14
C THR A 129 3.90 0.51 20.89
N ASP A 130 2.70 0.83 20.40
CA ASP A 130 1.49 0.33 21.04
C ASP A 130 0.83 -0.80 20.28
N THR A 131 1.36 -1.19 19.11
CA THR A 131 0.66 -2.14 18.25
C THR A 131 0.73 -3.55 18.82
N ARG A 132 -0.42 -4.20 18.92
CA ARG A 132 -0.48 -5.49 19.61
C ARG A 132 -1.46 -6.43 18.96
N ILE A 133 -1.27 -7.71 19.28
CA ILE A 133 -2.22 -8.76 18.91
C ILE A 133 -3.61 -8.39 19.39
N ASN A 134 -4.62 -8.74 18.56
CA ASN A 134 -6.05 -8.54 18.78
C ASN A 134 -6.49 -7.09 18.62
N GLU A 135 -5.59 -6.22 18.15
CA GLU A 135 -5.94 -4.83 17.84
C GLU A 135 -6.80 -4.76 16.58
N ASN A 136 -7.78 -3.85 16.58
CA ASN A 136 -8.66 -3.69 15.42
C ASN A 136 -7.96 -2.84 14.36
N ILE A 137 -7.88 -3.35 13.14
CA ILE A 137 -7.15 -2.68 12.06
C ILE A 137 -7.96 -2.73 10.77
N THR A 138 -7.48 -1.96 9.78
CA THR A 138 -8.02 -2.03 8.43
C THR A 138 -6.88 -2.17 7.44
N VAL A 139 -7.16 -2.80 6.30
CA VAL A 139 -6.24 -2.85 5.17
C VAL A 139 -7.02 -2.34 3.97
N THR A 140 -6.52 -1.28 3.35
CA THR A 140 -7.29 -0.51 2.39
C THR A 140 -6.47 -0.33 1.12
N GLY A 141 -7.04 -0.73 0.00
CA GLY A 141 -6.35 -0.77 -1.27
C GLY A 141 -7.28 -1.21 -2.40
N TYR A 142 -6.73 -1.90 -3.41
CA TYR A 142 -7.41 -2.14 -4.67
C TYR A 142 -7.48 -3.63 -4.98
N PRO A 143 -8.40 -4.36 -4.34
CA PRO A 143 -8.52 -5.80 -4.60
C PRO A 143 -9.01 -6.08 -6.02
N GLY A 144 -8.39 -7.07 -6.66
CA GLY A 144 -8.64 -7.38 -8.07
C GLY A 144 -9.90 -8.14 -8.38
N ASP A 145 -10.69 -8.52 -7.38
CA ASP A 145 -12.01 -9.10 -7.59
C ASP A 145 -13.11 -8.05 -7.62
N LYS A 146 -12.76 -6.78 -7.51
CA LYS A 146 -13.68 -5.68 -7.63
C LYS A 146 -13.41 -4.94 -8.93
N PRO A 147 -14.27 -3.99 -9.31
CA PRO A 147 -13.99 -3.24 -10.54
C PRO A 147 -12.66 -2.53 -10.43
N LEU A 148 -11.99 -2.42 -11.58
CA LEU A 148 -10.62 -1.93 -11.62
C LEU A 148 -10.52 -0.53 -11.00
N ALA A 149 -9.52 -0.36 -10.12
CA ALA A 149 -9.20 0.91 -9.49
C ALA A 149 -10.30 1.41 -8.55
N THR A 150 -11.11 0.51 -7.97
CA THR A 150 -12.02 0.91 -6.90
C THR A 150 -11.36 0.61 -5.56
N MET A 151 -11.50 1.52 -4.61
CA MET A 151 -10.82 1.40 -3.32
C MET A 151 -11.71 0.68 -2.32
N TRP A 152 -11.15 -0.29 -1.61
CA TRP A 152 -11.90 -1.09 -0.64
C TRP A 152 -11.17 -1.17 0.69
N GLU A 153 -11.93 -0.99 1.77
CA GLU A 153 -11.41 -1.15 3.12
C GLU A 153 -11.85 -2.49 3.69
N SER A 154 -10.90 -3.22 4.26
CA SER A 154 -11.14 -4.54 4.84
C SER A 154 -10.86 -4.47 6.33
N VAL A 155 -11.79 -4.98 7.14
CA VAL A 155 -11.79 -4.79 8.60
C VAL A 155 -11.44 -6.12 9.28
N GLY A 156 -10.62 -6.05 10.32
CA GLY A 156 -10.22 -7.25 11.04
C GLY A 156 -9.28 -6.96 12.18
N LYS A 157 -8.59 -8.01 12.64
CA LYS A 157 -7.73 -7.92 13.83
C LYS A 157 -6.34 -8.48 13.56
N VAL A 158 -5.34 -7.93 14.27
CA VAL A 158 -3.98 -8.47 14.28
C VAL A 158 -3.96 -9.80 15.01
N VAL A 159 -3.39 -10.83 14.39
CA VAL A 159 -3.26 -12.15 15.03
C VAL A 159 -1.82 -12.55 15.33
N TYR A 160 -0.83 -11.76 14.90
CA TYR A 160 0.56 -12.16 15.02
C TYR A 160 1.45 -10.96 14.71
N ILE A 161 2.48 -10.76 15.53
CA ILE A 161 3.49 -9.74 15.30
C ILE A 161 4.84 -10.34 15.64
N GLY A 162 5.77 -10.33 14.69
CA GLY A 162 7.09 -10.86 14.97
C GLY A 162 8.10 -10.52 13.89
N GLY A 163 9.22 -9.96 14.31
CA GLY A 163 10.22 -9.51 13.36
C GLY A 163 9.62 -8.43 12.46
N GLU A 164 9.73 -8.64 11.15
CA GLU A 164 9.16 -7.73 10.17
C GLU A 164 7.80 -8.21 9.64
N GLU A 165 7.08 -9.04 10.39
CA GLU A 165 5.84 -9.63 9.92
C GLU A 165 4.70 -9.32 10.90
N LEU A 166 3.57 -8.87 10.36
CA LEU A 166 2.33 -8.72 11.11
C LEU A 166 1.21 -9.38 10.31
N ARG A 167 0.46 -10.26 10.96
CA ARG A 167 -0.58 -11.04 10.32
C ARG A 167 -1.93 -10.67 10.89
N TYR A 168 -2.98 -10.89 10.09
CA TYR A 168 -4.35 -10.50 10.46
C TYR A 168 -5.34 -11.50 9.89
N ASP A 169 -6.58 -11.43 10.41
CA ASP A 169 -7.62 -12.38 10.05
C ASP A 169 -8.55 -11.86 8.96
N LEU A 170 -8.23 -10.71 8.36
CA LEU A 170 -9.12 -10.07 7.40
C LEU A 170 -8.79 -10.50 5.98
N SER A 171 -9.79 -10.38 5.11
CA SER A 171 -9.68 -10.86 3.74
C SER A 171 -9.05 -9.81 2.83
N THR A 172 -8.24 -10.28 1.89
CA THR A 172 -7.64 -9.48 0.82
C THR A 172 -7.60 -10.33 -0.44
N VAL A 173 -7.36 -9.68 -1.58
CA VAL A 173 -7.39 -10.33 -2.90
C VAL A 173 -6.25 -9.75 -3.73
N GLY A 174 -5.63 -10.60 -4.55
CA GLY A 174 -4.67 -10.15 -5.55
C GLY A 174 -5.05 -8.79 -6.14
N GLY A 175 -4.10 -7.84 -6.09
CA GLY A 175 -4.38 -6.42 -6.26
C GLY A 175 -4.16 -5.63 -4.98
N ASN A 176 -4.43 -6.24 -3.82
CA ASN A 176 -4.17 -5.60 -2.53
C ASN A 176 -2.67 -5.45 -2.24
N SER A 177 -1.80 -6.16 -2.96
CA SER A 177 -0.36 -6.10 -2.72
C SER A 177 0.14 -4.66 -2.58
N GLY A 178 0.77 -4.36 -1.43
CA GLY A 178 1.23 -3.01 -1.14
C GLY A 178 0.26 -2.14 -0.37
N SER A 179 -0.92 -2.66 -0.01
CA SER A 179 -1.93 -1.84 0.65
C SER A 179 -1.46 -1.43 2.05
N PRO A 180 -1.68 -0.18 2.46
CA PRO A 180 -1.37 0.21 3.83
C PRO A 180 -2.25 -0.53 4.82
N VAL A 181 -1.64 -0.90 5.96
CA VAL A 181 -2.34 -1.44 7.13
C VAL A 181 -2.47 -0.28 8.12
N PHE A 182 -3.71 0.08 8.47
CA PHE A 182 -3.99 1.20 9.37
C PHE A 182 -4.46 0.70 10.72
N ASN A 183 -3.99 1.34 11.79
CA ASN A 183 -4.57 1.13 13.11
C ASN A 183 -5.79 2.04 13.28
N GLY A 184 -6.39 2.04 14.48
CA GLY A 184 -7.59 2.83 14.73
C GLY A 184 -7.36 4.33 14.69
N LYS A 185 -6.12 4.77 14.93
CA LYS A 185 -5.75 6.18 14.76
C LYS A 185 -5.39 6.53 13.32
N ASN A 186 -5.65 5.62 12.37
CA ASN A 186 -5.38 5.84 10.95
C ASN A 186 -3.90 6.10 10.66
N GLN A 187 -3.04 5.44 11.41
CA GLN A 187 -1.61 5.45 11.13
C GLN A 187 -1.23 4.13 10.49
N VAL A 188 -0.21 4.18 9.64
CA VAL A 188 0.27 3.01 8.90
C VAL A 188 1.16 2.20 9.83
N ILE A 189 0.73 0.98 10.16
CA ILE A 189 1.55 0.06 10.95
C ILE A 189 2.27 -0.97 10.07
N GLY A 190 1.81 -1.18 8.84
CA GLY A 190 2.40 -2.19 7.98
C GLY A 190 2.02 -1.98 6.53
N ILE A 191 2.60 -2.80 5.67
CA ILE A 191 2.32 -2.82 4.24
C ILE A 191 1.96 -4.25 3.86
N HIS A 192 0.70 -4.48 3.45
CA HIS A 192 0.24 -5.80 3.05
C HIS A 192 1.08 -6.36 1.90
N TYR A 193 1.45 -7.64 1.98
CA TYR A 193 2.15 -8.29 0.88
C TYR A 193 1.58 -9.65 0.47
N GLY A 194 0.84 -10.35 1.33
CA GLY A 194 0.42 -11.70 1.00
C GLY A 194 -0.36 -12.42 2.08
N GLY A 195 -0.15 -13.72 2.23
CA GLY A 195 -0.87 -14.50 3.22
C GLY A 195 -0.59 -15.97 3.03
N VAL A 196 -1.23 -16.77 3.89
CA VAL A 196 -1.19 -18.23 3.82
C VAL A 196 -2.64 -18.71 3.80
N CYS A 197 -3.08 -19.24 2.67
CA CYS A 197 -4.50 -19.56 2.53
C CYS A 197 -4.82 -20.93 3.15
N ASN A 198 -5.93 -21.04 3.89
CA ASN A 198 -6.76 -19.90 4.31
C ASN A 198 -6.59 -19.71 5.81
N LYS A 199 -5.39 -19.33 6.26
CA LYS A 199 -5.11 -19.19 7.67
C LYS A 199 -5.04 -17.73 8.10
N TYR A 200 -4.42 -16.90 7.28
CA TYR A 200 -4.14 -15.51 7.64
C TYR A 200 -3.62 -14.80 6.40
N ASN A 201 -3.63 -13.47 6.47
CA ASN A 201 -2.94 -12.63 5.51
C ASN A 201 -1.84 -11.87 6.24
N SER A 202 -0.85 -11.38 5.47
CA SER A 202 0.43 -10.96 6.03
C SER A 202 0.83 -9.59 5.51
N SER A 203 1.53 -8.84 6.36
CA SER A 203 2.07 -7.54 6.00
C SER A 203 3.49 -7.43 6.51
N VAL A 204 4.23 -6.50 5.92
CA VAL A 204 5.54 -6.09 6.40
C VAL A 204 5.31 -5.17 7.59
N TYR A 205 5.76 -5.59 8.76
CA TYR A 205 5.59 -4.80 9.98
C TYR A 205 6.63 -3.69 10.00
N ILE A 206 6.18 -2.45 10.25
CA ILE A 206 7.12 -1.35 10.20
C ILE A 206 7.81 -1.22 11.56
N ASN A 207 8.75 -2.14 11.83
CA ASN A 207 9.47 -2.18 13.09
C ASN A 207 10.58 -1.14 13.09
N ASP A 208 11.43 -1.17 14.11
CA ASP A 208 12.46 -0.14 14.25
C ASP A 208 13.42 -0.14 13.06
N PHE A 209 13.79 -1.32 12.56
CA PHE A 209 14.72 -1.39 11.43
C PHE A 209 14.08 -0.90 10.14
N VAL A 210 12.82 -1.23 9.91
CA VAL A 210 12.13 -0.70 8.73
C VAL A 210 12.04 0.82 8.82
N GLN A 211 11.73 1.33 10.02
CA GLN A 211 11.64 2.78 10.21
C GLN A 211 12.95 3.48 9.85
N GLN A 212 14.10 2.89 10.20
CA GLN A 212 15.37 3.51 9.82
C GLN A 212 15.49 3.60 8.30
N PHE A 213 15.11 2.52 7.61
CA PHE A 213 15.12 2.56 6.15
C PHE A 213 14.26 3.70 5.64
N LEU A 214 13.06 3.86 6.21
CA LEU A 214 12.22 4.98 5.82
C LEU A 214 12.91 6.31 6.10
N ARG A 215 13.50 6.44 7.30
CA ARG A 215 14.15 7.70 7.65
C ARG A 215 15.35 7.97 6.76
N ASN A 216 16.12 6.92 6.45
CA ASN A 216 17.33 7.12 5.64
C ASN A 216 17.01 7.54 4.22
N ASN A 217 15.79 7.32 3.74
CA ASN A 217 15.47 7.61 2.35
C ASN A 217 14.41 8.68 2.15
N ILE A 218 13.56 8.94 3.14
CA ILE A 218 12.44 9.87 2.98
C ILE A 218 12.59 10.96 4.04
N PRO A 219 13.21 12.11 3.71
CA PRO A 219 13.52 13.11 4.76
C PRO A 219 12.29 13.64 5.50
N ASP A 220 11.18 13.85 4.79
CA ASP A 220 9.96 14.38 5.38
C ASP A 220 9.02 13.29 5.86
N ILE A 221 9.51 12.07 6.09
CA ILE A 221 8.63 11.03 6.59
C ILE A 221 8.07 11.46 7.93
N ASN A 222 6.78 11.19 8.16
CA ASN A 222 6.09 11.58 9.40
C ASN A 222 5.83 10.33 10.24
N ILE A 223 6.72 10.05 11.18
CA ILE A 223 6.55 8.93 12.11
C ILE A 223 6.04 9.48 13.43
N GLN A 224 4.85 9.03 13.83
CA GLN A 224 4.20 9.54 15.02
C GLN A 224 4.57 8.68 16.20
#